data_1Z76
#
_entry.id   1Z76
#
_cell.length_a   41.034
_cell.length_b   83.226
_cell.length_c   45.560
_cell.angle_alpha   90.00
_cell.angle_beta   112.70
_cell.angle_gamma   90.00
#
_symmetry.space_group_name_H-M   'P 1 21 1'
#
loop_
_entity.id
_entity.type
_entity.pdbx_description
1 polymer 'phospholipase A2'
2 non-polymer 'p-Bromophenacyl bromide'
3 water water
#
_entity_poly.entity_id   1
_entity_poly.type   'polypeptide(L)'
_entity_poly.pdbx_seq_one_letter_code
;SLWQFGKMINYVMGESGVLQYLSYGCYCGLGGQGQPTDATDRCCFVHDCCYGKVTGCDPKIDSYTYSKKNGDVVCGGDDP
CKKQICECDRVATTCFRDNKDTYDIKYWFYGAKNCQEKSEPC
;
_entity_poly.pdbx_strand_id   A,B
#
# COMPACT_ATOMS: atom_id res chain seq x y z
N SER A 1 11.87 -11.40 -0.41
CA SER A 1 10.49 -11.35 -1.01
C SER A 1 9.83 -10.02 -0.62
N LEU A 2 8.75 -9.62 -1.32
CA LEU A 2 8.03 -8.36 -0.99
C LEU A 2 7.42 -8.33 0.47
N TRP A 3 7.02 -9.49 1.03
CA TRP A 3 6.50 -9.59 2.41
C TRP A 3 7.63 -9.18 3.40
N GLN A 4 8.87 -9.66 3.15
CA GLN A 4 10.07 -9.29 3.97
C GLN A 4 10.43 -7.77 3.84
N PHE A 5 10.32 -7.15 2.63
CA PHE A 5 10.65 -5.67 2.46
C PHE A 5 9.67 -4.81 3.34
N GLY A 6 8.39 -5.24 3.43
CA GLY A 6 7.39 -4.55 4.25
C GLY A 6 7.65 -4.61 5.77
N LYS A 7 7.97 -5.81 6.28
CA LYS A 7 8.29 -5.99 7.72
C LYS A 7 9.60 -5.22 8.11
N MET A 8 10.58 -5.12 7.19
CA MET A 8 11.87 -4.37 7.42
C MET A 8 11.59 -2.82 7.53
N ILE A 9 10.65 -2.31 6.70
CA ILE A 9 10.25 -0.87 6.70
C ILE A 9 9.58 -0.50 8.08
N ASN A 10 8.68 -1.36 8.61
CA ASN A 10 8.03 -1.12 9.94
C ASN A 10 9.06 -1.14 11.13
N TYR A 11 10.12 -1.99 11.07
CA TYR A 11 11.19 -2.01 12.12
C TYR A 11 12.01 -0.67 12.14
N VAL A 12 12.46 -0.18 10.97
CA VAL A 12 13.26 1.07 10.84
C VAL A 12 12.48 2.41 11.03
N MET A 13 11.32 2.55 10.37
CA MET A 13 10.52 3.79 10.41
C MET A 13 9.38 3.90 11.46
N GLY A 14 8.99 2.78 12.09
CA GLY A 14 7.89 2.79 13.06
C GLY A 14 6.56 2.22 12.54
N GLU A 15 5.55 2.15 13.42
CA GLU A 15 4.22 1.59 13.10
C GLU A 15 3.39 1.98 11.86
N SER A 16 3.49 3.22 11.39
CA SER A 16 2.72 3.63 10.21
C SER A 16 3.57 3.62 8.92
N GLY A 17 4.70 2.91 8.96
CA GLY A 17 5.62 2.80 7.81
C GLY A 17 5.11 2.23 6.49
N VAL A 18 4.45 1.05 6.52
CA VAL A 18 3.88 0.41 5.30
C VAL A 18 2.81 1.34 4.60
N LEU A 19 1.90 1.96 5.39
CA LEU A 19 0.86 2.87 4.83
C LEU A 19 1.44 4.18 4.15
N GLN A 20 2.59 4.66 4.65
CA GLN A 20 3.30 5.86 4.10
C GLN A 20 4.23 5.64 2.86
N TYR A 21 4.95 4.52 2.79
CA TYR A 21 5.97 4.23 1.74
C TYR A 21 5.69 3.23 0.55
N LEU A 22 4.66 2.35 0.64
CA LEU A 22 4.34 1.40 -0.44
C LEU A 22 3.45 1.96 -1.63
N SER A 23 2.91 3.18 -1.47
CA SER A 23 2.13 3.92 -2.52
C SER A 23 2.48 5.47 -2.49
N TYR A 24 3.45 5.93 -3.30
CA TYR A 24 3.92 7.37 -3.33
C TYR A 24 4.62 7.75 -4.69
N GLY A 25 4.35 8.94 -5.25
CA GLY A 25 4.97 9.43 -6.50
C GLY A 25 4.77 8.58 -7.77
N CYS A 26 5.76 8.62 -8.70
CA CYS A 26 5.75 7.84 -9.96
C CYS A 26 6.45 6.42 -9.89
N TYR A 27 7.41 6.24 -8.95
CA TYR A 27 8.18 4.97 -8.74
C TYR A 27 8.00 4.09 -7.41
N CYS A 28 7.40 4.63 -6.33
CA CYS A 28 7.20 3.80 -5.10
C CYS A 28 5.87 2.99 -5.26
N GLY A 29 5.98 1.82 -5.92
CA GLY A 29 4.86 0.92 -6.22
C GLY A 29 5.19 -0.03 -7.38
N LEU A 30 4.20 -0.73 -7.96
CA LEU A 30 4.43 -1.64 -9.12
C LEU A 30 4.28 -0.86 -10.45
N GLY A 31 5.14 -1.18 -11.42
CA GLY A 31 5.10 -0.57 -12.75
C GLY A 31 5.41 0.93 -12.91
N GLY A 32 6.66 1.31 -12.70
CA GLY A 32 7.05 2.71 -12.81
C GLY A 32 7.36 3.23 -14.21
N GLN A 33 7.04 4.51 -14.44
CA GLN A 33 7.29 5.21 -15.71
C GLN A 33 7.35 6.74 -15.50
N GLY A 34 7.96 7.45 -16.46
CA GLY A 34 8.09 8.90 -16.36
C GLY A 34 9.29 9.47 -15.60
N GLN A 35 9.15 10.69 -15.04
CA GLN A 35 10.23 11.36 -14.27
C GLN A 35 9.99 11.39 -12.73
N PRO A 36 11.03 11.10 -11.88
CA PRO A 36 10.86 11.12 -10.39
C PRO A 36 10.36 12.52 -9.87
N THR A 37 9.43 12.54 -8.90
CA THR A 37 8.84 13.81 -8.38
C THR A 37 9.66 14.64 -7.39
N ASP A 38 10.36 13.98 -6.46
CA ASP A 38 11.21 14.60 -5.40
C ASP A 38 12.32 13.64 -4.88
N ALA A 39 12.96 13.95 -3.75
CA ALA A 39 14.04 13.14 -3.17
C ALA A 39 13.63 11.72 -2.70
N THR A 40 12.50 11.63 -1.98
CA THR A 40 11.95 10.32 -1.51
C THR A 40 11.63 9.38 -2.75
N ASP A 41 11.01 9.91 -3.81
CA ASP A 41 10.66 9.16 -5.06
C ASP A 41 11.97 8.68 -5.77
N ARG A 42 13.06 9.46 -5.71
CA ARG A 42 14.37 9.07 -6.33
C ARG A 42 15.03 7.86 -5.58
N CYS A 43 14.80 7.72 -4.24
CA CYS A 43 15.30 6.53 -3.47
C CYS A 43 14.65 5.26 -4.07
N CYS A 44 13.36 5.35 -4.48
CA CYS A 44 12.67 4.18 -5.10
C CYS A 44 13.16 3.87 -6.57
N PHE A 45 13.52 4.91 -7.35
CA PHE A 45 14.06 4.78 -8.74
C PHE A 45 15.42 4.00 -8.69
N VAL A 46 16.35 4.40 -7.81
CA VAL A 46 17.65 3.71 -7.61
C VAL A 46 17.48 2.18 -7.22
N HIS A 47 16.48 1.86 -6.36
CA HIS A 47 16.11 0.49 -5.88
C HIS A 47 15.60 -0.40 -7.08
N ASP A 48 14.88 0.19 -8.04
CA ASP A 48 14.35 -0.50 -9.26
C ASP A 48 15.58 -0.87 -10.18
N CYS A 49 16.54 0.07 -10.34
CA CYS A 49 17.77 -0.19 -11.16
C CYS A 49 18.67 -1.30 -10.50
N CYS A 50 18.69 -1.38 -9.14
CA CYS A 50 19.44 -2.39 -8.33
C CYS A 50 18.91 -3.81 -8.56
N TYR A 51 17.58 -3.97 -8.61
CA TYR A 51 16.91 -5.26 -8.90
C TYR A 51 17.19 -5.79 -10.36
N GLY A 52 17.36 -4.87 -11.32
CA GLY A 52 17.65 -5.24 -12.71
C GLY A 52 19.01 -5.90 -13.02
N LYS A 53 19.94 -5.82 -12.06
CA LYS A 53 21.28 -6.41 -12.14
C LYS A 53 21.37 -7.85 -11.58
N VAL A 54 20.26 -8.34 -10.97
CA VAL A 54 20.14 -9.71 -10.38
C VAL A 54 19.74 -10.68 -11.54
N THR A 55 20.60 -11.66 -11.86
CA THR A 55 20.32 -12.56 -13.00
C THR A 55 19.98 -14.05 -12.82
N GLY A 56 20.04 -14.60 -11.60
CA GLY A 56 19.69 -16.00 -11.41
C GLY A 56 18.68 -16.45 -10.32
N CYS A 57 17.89 -15.51 -9.80
CA CYS A 57 16.84 -15.74 -8.76
C CYS A 57 15.73 -14.61 -8.96
N ASP A 58 14.56 -14.67 -8.27
CA ASP A 58 13.42 -13.68 -8.45
C ASP A 58 13.15 -12.71 -7.23
N PRO A 59 13.41 -11.37 -7.37
CA PRO A 59 13.16 -10.42 -6.23
C PRO A 59 11.74 -10.33 -5.60
N LYS A 60 10.70 -10.63 -6.38
CA LYS A 60 9.30 -10.56 -5.90
C LYS A 60 8.89 -11.74 -5.00
N ILE A 61 9.27 -12.96 -5.39
CA ILE A 61 8.85 -14.17 -4.65
C ILE A 61 9.83 -15.05 -3.83
N ASP A 62 11.15 -14.96 -4.04
CA ASP A 62 12.14 -15.77 -3.30
C ASP A 62 12.52 -15.19 -1.89
N SER A 63 12.58 -16.03 -0.83
CA SER A 63 12.95 -15.64 0.58
C SER A 63 14.47 -15.60 0.88
N TYR A 64 14.95 -14.58 1.61
CA TYR A 64 16.40 -14.43 2.01
C TYR A 64 16.60 -14.63 3.56
N THR A 65 17.83 -14.40 4.09
CA THR A 65 18.17 -14.51 5.56
C THR A 65 18.72 -13.19 6.19
N TYR A 66 18.10 -12.69 7.28
CA TYR A 66 18.53 -11.43 7.97
C TYR A 66 18.29 -11.42 9.50
N SER A 67 18.95 -10.47 10.21
CA SER A 67 18.86 -10.29 11.68
C SER A 67 19.24 -8.86 12.15
N LYS A 68 19.41 -8.66 13.47
CA LYS A 68 19.74 -7.33 14.07
C LYS A 68 20.95 -7.30 15.03
N LYS A 69 21.75 -6.21 15.00
CA LYS A 69 22.92 -6.03 15.88
C LYS A 69 23.14 -4.53 16.21
N ASN A 70 23.15 -4.20 17.50
CA ASN A 70 23.32 -2.82 18.03
C ASN A 70 22.27 -1.83 17.44
N GLY A 71 21.07 -2.35 17.13
CA GLY A 71 20.00 -1.54 16.56
C GLY A 71 19.98 -1.41 15.02
N ASP A 72 20.98 -1.96 14.32
CA ASP A 72 21.06 -1.89 12.83
C ASP A 72 20.75 -3.25 12.13
N VAL A 73 20.20 -3.21 10.91
CA VAL A 73 19.90 -4.44 10.11
C VAL A 73 21.22 -5.03 9.52
N VAL A 74 21.37 -6.37 9.54
CA VAL A 74 22.56 -7.12 8.98
C VAL A 74 22.07 -8.26 8.02
N CYS A 75 22.68 -8.41 6.82
CA CYS A 75 22.29 -9.49 5.87
C CYS A 75 23.20 -10.78 6.00
N GLY A 76 22.61 -11.99 5.98
CA GLY A 76 23.36 -13.27 6.09
C GLY A 76 23.09 -14.41 5.07
N GLY A 77 23.24 -15.69 5.48
CA GLY A 77 23.01 -16.87 4.62
C GLY A 77 24.14 -17.47 3.74
N ASP A 78 23.94 -18.67 3.14
CA ASP A 78 24.97 -19.35 2.26
C ASP A 78 24.85 -19.32 0.70
N ASP A 79 23.89 -18.57 0.16
CA ASP A 79 23.65 -18.43 -1.31
C ASP A 79 23.92 -16.95 -1.76
N PRO A 80 24.93 -16.69 -2.65
CA PRO A 80 25.26 -15.31 -3.13
C PRO A 80 24.13 -14.52 -3.83
N CYS A 81 23.27 -15.21 -4.59
CA CYS A 81 22.14 -14.53 -5.31
C CYS A 81 21.11 -13.94 -4.34
N LYS A 82 20.73 -14.71 -3.30
CA LYS A 82 19.76 -14.26 -2.28
C LYS A 82 20.32 -13.10 -1.40
N LYS A 83 21.63 -13.15 -1.09
CA LYS A 83 22.27 -12.06 -0.30
C LYS A 83 22.27 -10.70 -1.09
N GLN A 84 22.39 -10.77 -2.43
CA GLN A 84 22.39 -9.57 -3.33
C GLN A 84 21.00 -8.85 -3.26
N ILE A 85 19.89 -9.62 -3.24
CA ILE A 85 18.51 -9.06 -3.12
C ILE A 85 18.37 -8.37 -1.70
N CYS A 86 18.89 -8.99 -0.62
CA CYS A 86 18.83 -8.40 0.77
C CYS A 86 19.53 -7.03 0.84
N GLU A 87 20.71 -6.92 0.21
CA GLU A 87 21.48 -5.64 0.19
C GLU A 87 20.72 -4.49 -0.52
N CYS A 88 20.00 -4.76 -1.62
CA CYS A 88 19.20 -3.72 -2.31
C CYS A 88 18.12 -3.15 -1.31
N ASP A 89 17.42 -4.05 -0.58
CA ASP A 89 16.37 -3.64 0.42
C ASP A 89 16.96 -2.81 1.64
N ARG A 90 18.10 -3.21 2.21
CA ARG A 90 18.75 -2.47 3.33
C ARG A 90 19.16 -0.99 2.99
N VAL A 91 19.81 -0.77 1.82
CA VAL A 91 20.24 0.60 1.35
C VAL A 91 19.05 1.60 1.16
N ALA A 92 17.90 1.09 0.66
CA ALA A 92 16.68 1.93 0.44
C ALA A 92 16.06 2.44 1.75
N THR A 93 16.08 1.59 2.77
CA THR A 93 15.60 1.87 4.13
C THR A 93 16.44 3.05 4.75
N THR A 94 17.78 3.08 4.53
CA THR A 94 18.60 4.21 5.04
C THR A 94 18.35 5.55 4.28
N CYS A 95 18.04 5.48 2.97
CA CYS A 95 17.71 6.69 2.12
C CYS A 95 16.36 7.34 2.61
N PHE A 96 15.34 6.53 2.97
CA PHE A 96 14.05 7.07 3.49
C PHE A 96 14.30 7.90 4.80
N ARG A 97 15.09 7.36 5.75
CA ARG A 97 15.40 8.06 7.04
C ARG A 97 16.22 9.36 6.86
N ASP A 98 17.21 9.33 5.95
CA ASP A 98 18.07 10.53 5.68
C ASP A 98 17.32 11.74 5.04
N ASN A 99 16.21 11.47 4.33
CA ASN A 99 15.43 12.52 3.63
C ASN A 99 14.03 12.87 4.23
N LYS A 100 13.73 12.44 5.46
CA LYS A 100 12.40 12.67 6.13
C LYS A 100 11.85 14.14 6.23
N ASP A 101 12.77 15.12 6.33
CA ASP A 101 12.43 16.55 6.39
C ASP A 101 11.64 17.11 5.19
N THR A 102 11.79 16.48 4.01
CA THR A 102 11.07 16.91 2.78
C THR A 102 9.83 16.10 2.28
N TYR A 103 9.30 15.13 3.06
CA TYR A 103 8.09 14.32 2.69
C TYR A 103 6.85 15.29 2.51
N ASP A 104 6.04 15.09 1.44
CA ASP A 104 4.86 15.95 1.12
C ASP A 104 3.56 15.12 0.87
N ILE A 105 2.49 15.41 1.62
CA ILE A 105 1.15 14.73 1.48
C ILE A 105 0.53 14.86 0.04
N LYS A 106 0.97 15.85 -0.74
CA LYS A 106 0.49 16.06 -2.14
C LYS A 106 0.85 14.86 -3.10
N TYR A 107 1.96 14.16 -2.78
CA TYR A 107 2.48 12.96 -3.52
C TYR A 107 2.05 11.55 -2.94
N TRP A 108 1.39 11.53 -1.76
CA TRP A 108 0.87 10.28 -1.09
C TRP A 108 -0.38 9.81 -1.90
N PHE A 109 -0.34 8.57 -2.41
CA PHE A 109 -1.42 8.01 -3.29
C PHE A 109 -1.64 8.86 -4.59
N TYR A 110 -0.54 9.33 -5.20
CA TYR A 110 -0.51 10.15 -6.45
C TYR A 110 -1.09 9.30 -7.63
N GLY A 111 -1.90 9.90 -8.50
CA GLY A 111 -2.47 9.14 -9.62
C GLY A 111 -1.53 8.88 -10.81
N ALA A 112 -1.69 7.71 -11.44
CA ALA A 112 -0.87 7.31 -12.61
C ALA A 112 -1.02 8.20 -13.87
N LYS A 113 -2.17 8.86 -14.01
CA LYS A 113 -2.44 9.77 -15.16
C LYS A 113 -1.49 11.00 -15.17
N ASN A 114 -0.83 11.29 -14.04
CA ASN A 114 0.13 12.40 -13.91
C ASN A 114 1.60 12.01 -14.28
N CYS A 115 1.83 10.76 -14.71
CA CYS A 115 3.19 10.25 -15.04
C CYS A 115 3.42 9.75 -16.50
N GLN A 116 2.86 10.43 -17.50
CA GLN A 116 2.98 9.97 -18.90
C GLN A 116 4.08 10.51 -19.85
N GLU A 117 5.07 11.18 -19.27
CA GLU A 117 6.25 11.75 -19.95
C GLU A 117 7.27 10.61 -20.26
N LYS A 118 8.27 10.82 -21.13
CA LYS A 118 9.26 9.76 -21.45
C LYS A 118 10.14 9.41 -20.23
N SER A 119 10.41 8.12 -20.04
CA SER A 119 11.19 7.60 -18.88
C SER A 119 12.71 7.86 -18.89
N GLU A 120 13.24 8.24 -17.71
CA GLU A 120 14.68 8.48 -17.51
C GLU A 120 15.41 7.09 -17.49
N PRO A 121 16.53 6.95 -18.25
CA PRO A 121 17.27 5.66 -18.25
C PRO A 121 18.20 5.38 -17.02
N CYS A 122 18.45 4.10 -16.72
CA CYS A 122 19.33 3.68 -15.61
C CYS A 122 20.80 3.97 -15.95
N SER B 1 -10.26 10.18 7.45
CA SER B 1 -8.99 10.23 6.63
C SER B 1 -8.44 8.79 6.45
N LEU B 2 -7.49 8.60 5.51
CA LEU B 2 -6.91 7.23 5.33
C LEU B 2 -6.11 6.72 6.56
N TRP B 3 -5.60 7.65 7.39
CA TRP B 3 -4.86 7.26 8.63
C TRP B 3 -5.85 6.54 9.61
N GLN B 4 -7.08 7.06 9.70
CA GLN B 4 -8.17 6.49 10.55
C GLN B 4 -8.69 5.12 10.02
N PHE B 5 -8.78 4.95 8.67
CA PHE B 5 -9.22 3.66 8.00
C PHE B 5 -8.19 2.55 8.35
N GLY B 6 -6.89 2.89 8.35
CA GLY B 6 -5.82 1.93 8.74
C GLY B 6 -5.87 1.42 10.19
N LYS B 7 -6.15 2.35 11.12
CA LYS B 7 -6.31 2.00 12.55
C LYS B 7 -7.56 1.11 12.79
N MET B 8 -8.62 1.31 11.97
CA MET B 8 -9.89 0.56 12.00
C MET B 8 -9.70 -0.92 11.51
N ILE B 9 -8.93 -1.09 10.42
CA ILE B 9 -8.58 -2.43 9.81
C ILE B 9 -7.74 -3.29 10.82
N ASN B 10 -6.73 -2.70 11.49
CA ASN B 10 -5.95 -3.49 12.48
C ASN B 10 -6.76 -3.94 13.75
N TYR B 11 -7.75 -3.12 14.22
CA TYR B 11 -8.61 -3.46 15.39
C TYR B 11 -9.53 -4.68 15.09
N VAL B 12 -10.07 -4.76 13.87
CA VAL B 12 -10.99 -5.84 13.45
C VAL B 12 -10.28 -7.12 12.94
N MET B 13 -9.19 -6.94 12.17
CA MET B 13 -8.43 -8.07 11.56
C MET B 13 -7.09 -8.59 12.15
N GLY B 14 -6.50 -7.92 13.14
CA GLY B 14 -5.21 -8.37 13.69
C GLY B 14 -4.00 -7.55 13.22
N GLU B 15 -2.82 -7.86 13.81
CA GLU B 15 -1.56 -7.14 13.51
C GLU B 15 -1.00 -7.01 12.11
N SER B 16 -1.32 -7.96 11.22
CA SER B 16 -0.83 -7.91 9.82
C SER B 16 -1.88 -7.37 8.82
N GLY B 17 -2.98 -6.80 9.34
CA GLY B 17 -4.09 -6.29 8.52
C GLY B 17 -3.86 -5.30 7.39
N VAL B 18 -3.20 -4.16 7.68
CA VAL B 18 -2.92 -3.16 6.61
C VAL B 18 -2.06 -3.75 5.44
N LEU B 19 -1.00 -4.53 5.75
CA LEU B 19 -0.14 -5.13 4.71
C LEU B 19 -0.94 -6.12 3.80
N GLN B 20 -1.90 -6.85 4.36
CA GLN B 20 -2.74 -7.81 3.59
C GLN B 20 -3.82 -7.19 2.62
N TYR B 21 -4.30 -5.95 2.90
CA TYR B 21 -5.36 -5.26 2.11
C TYR B 21 -5.01 -3.94 1.32
N LEU B 22 -3.74 -3.48 1.37
CA LEU B 22 -3.30 -2.24 0.65
C LEU B 22 -3.30 -2.31 -0.91
N SER B 23 -3.09 -3.51 -1.47
CA SER B 23 -3.15 -3.76 -2.93
C SER B 23 -3.58 -5.26 -3.17
N TYR B 24 -4.82 -5.48 -3.66
CA TYR B 24 -5.43 -6.85 -3.96
C TYR B 24 -6.43 -6.72 -5.18
N GLY B 25 -6.32 -7.64 -6.17
CA GLY B 25 -7.22 -7.64 -7.34
C GLY B 25 -7.27 -6.38 -8.22
N CYS B 26 -8.43 -6.05 -8.80
CA CYS B 26 -8.55 -4.84 -9.66
C CYS B 26 -9.08 -3.55 -8.96
N TYR B 27 -9.63 -3.69 -7.73
CA TYR B 27 -10.21 -2.55 -6.95
C TYR B 27 -9.67 -2.18 -5.54
N CYS B 28 -8.94 -3.08 -4.83
CA CYS B 28 -8.41 -2.70 -3.49
C CYS B 28 -7.14 -1.77 -3.59
N GLY B 29 -7.35 -0.49 -3.20
CA GLY B 29 -6.40 0.65 -3.24
C GLY B 29 -7.22 1.95 -3.52
N LEU B 30 -6.62 3.15 -3.69
CA LEU B 30 -7.42 4.38 -4.06
C LEU B 30 -7.66 4.32 -5.59
N GLY B 31 -8.93 4.37 -6.03
CA GLY B 31 -9.27 4.26 -7.46
C GLY B 31 -9.27 2.81 -8.00
N GLY B 32 -9.46 2.62 -9.32
CA GLY B 32 -9.50 1.29 -9.96
C GLY B 32 -10.20 1.20 -11.34
N GLN B 33 -10.07 0.06 -12.07
CA GLN B 33 -10.67 -0.15 -13.44
C GLN B 33 -10.97 -1.63 -13.82
N GLY B 34 -11.79 -1.87 -14.87
CA GLY B 34 -12.11 -3.25 -15.30
C GLY B 34 -13.23 -4.03 -14.55
N GLN B 35 -13.03 -5.35 -14.29
CA GLN B 35 -14.01 -6.26 -13.59
C GLN B 35 -13.44 -6.94 -12.27
N PRO B 36 -14.26 -7.08 -11.16
CA PRO B 36 -13.76 -7.71 -9.92
C PRO B 36 -13.35 -9.21 -10.04
N THR B 37 -12.29 -9.61 -9.32
CA THR B 37 -11.72 -10.99 -9.32
C THR B 37 -12.44 -12.10 -8.51
N ASP B 38 -12.95 -11.75 -7.31
CA ASP B 38 -13.66 -12.66 -6.36
C ASP B 38 -14.54 -11.85 -5.31
N ALA B 39 -15.01 -12.52 -4.23
CA ALA B 39 -15.84 -11.90 -3.14
C ALA B 39 -15.13 -10.77 -2.32
N THR B 40 -13.84 -10.98 -2.00
CA THR B 40 -13.01 -9.97 -1.29
C THR B 40 -12.82 -8.69 -2.17
N ASP B 41 -12.51 -8.85 -3.48
CA ASP B 41 -12.36 -7.70 -4.40
C ASP B 41 -13.70 -6.93 -4.58
N ARG B 42 -14.86 -7.63 -4.49
CA ARG B 42 -16.20 -6.98 -4.60
C ARG B 42 -16.53 -6.02 -3.41
N CYS B 43 -16.02 -6.33 -2.20
CA CYS B 43 -16.16 -5.45 -1.00
C CYS B 43 -15.50 -4.04 -1.33
N CYS B 44 -14.35 -4.04 -2.02
CA CYS B 44 -13.62 -2.77 -2.40
C CYS B 44 -14.29 -1.97 -3.60
N PHE B 45 -15.05 -2.67 -4.47
CA PHE B 45 -15.80 -2.06 -5.61
C PHE B 45 -16.96 -1.20 -5.05
N VAL B 46 -17.71 -1.78 -4.09
CA VAL B 46 -18.81 -1.10 -3.38
C VAL B 46 -18.28 0.15 -2.57
N HIS B 47 -17.08 0.04 -1.98
CA HIS B 47 -16.42 1.15 -1.20
C HIS B 47 -16.11 2.35 -2.14
N ASP B 48 -15.61 2.10 -3.38
CA ASP B 48 -15.32 3.17 -4.38
C ASP B 48 -16.63 3.89 -4.85
N CYS B 49 -17.72 3.10 -5.06
CA CYS B 49 -19.04 3.64 -5.49
C CYS B 49 -19.64 4.58 -4.34
N CYS B 50 -19.38 4.23 -3.05
CA CYS B 50 -19.80 5.02 -1.83
C CYS B 50 -19.08 6.40 -1.73
N TYR B 51 -17.74 6.41 -1.91
CA TYR B 51 -16.93 7.66 -1.90
C TYR B 51 -17.35 8.65 -3.06
N GLY B 52 -17.87 8.09 -4.18
CA GLY B 52 -18.33 8.88 -5.34
C GLY B 52 -19.58 9.77 -5.15
N LYS B 53 -20.36 9.48 -4.11
CA LYS B 53 -21.59 10.25 -3.76
C LYS B 53 -21.35 11.45 -2.82
N VAL B 54 -20.16 11.53 -2.23
CA VAL B 54 -19.75 12.60 -1.29
C VAL B 54 -19.41 13.94 -2.02
N THR B 55 -20.05 15.04 -1.62
CA THR B 55 -19.79 16.40 -2.15
C THR B 55 -19.61 17.46 -1.03
N GLY B 56 -18.49 18.18 -1.03
CA GLY B 56 -18.23 19.20 -0.01
C GLY B 56 -17.06 18.93 0.95
N CYS B 57 -16.63 17.67 1.07
CA CYS B 57 -15.48 17.28 1.91
C CYS B 57 -14.54 16.28 1.16
N ASP B 58 -13.29 16.08 1.63
CA ASP B 58 -12.25 15.18 0.95
C ASP B 58 -11.97 13.86 1.73
N PRO B 59 -12.33 12.64 1.16
CA PRO B 59 -12.08 11.36 1.87
C PRO B 59 -10.61 10.98 2.19
N LYS B 60 -9.62 11.50 1.45
CA LYS B 60 -8.19 11.18 1.72
C LYS B 60 -7.59 11.92 2.96
N ILE B 61 -7.85 13.23 3.08
CA ILE B 61 -7.31 14.07 4.17
C ILE B 61 -8.19 14.61 5.38
N ASP B 62 -9.52 14.75 5.24
CA ASP B 62 -10.38 15.26 6.35
C ASP B 62 -10.71 14.25 7.52
N SER B 63 -10.58 14.69 8.80
CA SER B 63 -10.87 13.82 10.02
C SER B 63 -12.36 13.77 10.49
N TYR B 64 -12.88 12.57 10.84
CA TYR B 64 -14.27 12.36 11.36
C TYR B 64 -14.29 11.97 12.89
N THR B 65 -15.47 11.64 13.46
CA THR B 65 -15.62 11.23 14.91
C THR B 65 -16.19 9.76 15.11
N TYR B 66 -15.46 8.90 15.85
CA TYR B 66 -15.90 7.47 16.15
C TYR B 66 -15.50 6.92 17.56
N SER B 67 -16.17 5.84 18.00
CA SER B 67 -15.84 5.16 19.29
C SER B 67 -15.91 3.62 19.21
N LYS B 68 -15.23 2.95 20.16
CA LYS B 68 -15.18 1.47 20.24
C LYS B 68 -15.91 0.90 21.45
N LYS B 69 -16.91 0.06 21.18
CA LYS B 69 -17.70 -0.54 22.23
C LYS B 69 -17.68 -2.05 22.18
N ASN B 70 -16.81 -2.64 23.02
CA ASN B 70 -16.61 -4.10 23.17
C ASN B 70 -16.48 -4.96 21.91
N GLY B 71 -15.81 -4.43 20.91
CA GLY B 71 -15.63 -5.12 19.64
C GLY B 71 -16.44 -4.49 18.52
N ASP B 72 -17.44 -3.67 18.88
CA ASP B 72 -18.28 -3.00 17.89
C ASP B 72 -17.96 -1.51 17.64
N VAL B 73 -17.61 -1.17 16.39
CA VAL B 73 -17.31 0.22 15.95
C VAL B 73 -18.65 0.98 15.68
N VAL B 74 -18.79 2.22 16.21
CA VAL B 74 -19.98 3.09 16.05
C VAL B 74 -19.59 4.55 15.57
N CYS B 75 -20.25 5.08 14.53
CA CYS B 75 -19.97 6.47 14.04
C CYS B 75 -20.81 7.54 14.80
N GLY B 76 -20.22 8.73 15.05
CA GLY B 76 -20.88 9.84 15.76
C GLY B 76 -20.69 11.23 15.12
N GLY B 77 -20.71 12.33 15.91
CA GLY B 77 -20.51 13.70 15.40
C GLY B 77 -21.72 14.48 14.87
N ASP B 78 -21.55 15.77 14.56
CA ASP B 78 -22.67 16.60 14.05
C ASP B 78 -22.63 17.23 12.63
N ASP B 79 -21.55 16.97 11.87
CA ASP B 79 -21.39 17.46 10.46
C ASP B 79 -21.89 16.32 9.56
N PRO B 80 -22.89 16.56 8.70
CA PRO B 80 -23.41 15.51 7.81
C PRO B 80 -22.45 14.90 6.76
N CYS B 81 -21.58 15.72 6.16
CA CYS B 81 -20.61 15.25 5.12
C CYS B 81 -19.53 14.30 5.74
N LYS B 82 -19.00 14.67 6.90
CA LYS B 82 -17.96 13.86 7.60
C LYS B 82 -18.45 12.53 8.16
N LYS B 83 -19.74 12.48 8.59
CA LYS B 83 -20.38 11.25 9.09
C LYS B 83 -20.62 10.24 7.93
N GLN B 84 -20.89 10.75 6.73
CA GLN B 84 -21.11 9.94 5.51
C GLN B 84 -19.83 9.12 5.16
N ILE B 85 -18.66 9.79 5.27
CA ILE B 85 -17.33 9.16 5.05
C ILE B 85 -17.07 8.03 6.08
N CYS B 86 -17.38 8.27 7.38
CA CYS B 86 -17.22 7.25 8.46
C CYS B 86 -18.07 5.96 8.16
N GLU B 87 -19.31 6.12 7.66
CA GLU B 87 -20.17 4.93 7.34
C GLU B 87 -19.64 4.05 6.17
N CYS B 88 -19.05 4.67 5.14
CA CYS B 88 -18.44 3.94 3.99
C CYS B 88 -17.26 3.04 4.53
N ASP B 89 -16.46 3.59 5.46
CA ASP B 89 -15.31 2.89 6.09
C ASP B 89 -15.75 1.70 7.01
N ARG B 90 -16.78 1.91 7.86
CA ARG B 90 -17.31 0.86 8.78
C ARG B 90 -17.91 -0.38 8.05
N VAL B 91 -18.74 -0.15 7.03
CA VAL B 91 -19.35 -1.26 6.22
C VAL B 91 -18.28 -2.16 5.51
N ALA B 92 -17.18 -1.57 5.01
CA ALA B 92 -16.12 -2.36 4.35
C ALA B 92 -15.30 -3.28 5.31
N THR B 93 -15.05 -2.83 6.54
CA THR B 93 -14.29 -3.66 7.50
C THR B 93 -15.08 -4.94 7.93
N THR B 94 -16.41 -4.82 7.99
CA THR B 94 -17.30 -5.95 8.36
C THR B 94 -17.37 -6.96 7.15
N CYS B 95 -17.27 -6.45 5.90
CA CYS B 95 -17.30 -7.30 4.67
C CYS B 95 -16.00 -8.16 4.57
N PHE B 96 -14.86 -7.56 4.95
CA PHE B 96 -13.55 -8.25 4.95
C PHE B 96 -13.63 -9.48 5.94
N ARG B 97 -14.19 -9.28 7.15
CA ARG B 97 -14.34 -10.36 8.19
C ARG B 97 -15.27 -11.54 7.74
N ASP B 98 -16.41 -11.21 7.12
CA ASP B 98 -17.38 -12.23 6.63
C ASP B 98 -16.84 -13.10 5.45
N ASN B 99 -15.81 -12.62 4.74
CA ASN B 99 -15.27 -13.36 3.56
C ASN B 99 -13.81 -13.91 3.66
N LYS B 100 -13.26 -13.96 4.88
CA LYS B 100 -11.90 -14.46 5.15
C LYS B 100 -11.59 -15.90 4.67
N ASP B 101 -12.61 -16.77 4.65
CA ASP B 101 -12.45 -18.20 4.25
C ASP B 101 -12.14 -18.51 2.75
N THR B 102 -12.30 -17.50 1.88
CA THR B 102 -12.02 -17.60 0.43
C THR B 102 -10.87 -16.69 -0.08
N TYR B 103 -10.12 -16.00 0.82
CA TYR B 103 -8.97 -15.10 0.44
C TYR B 103 -7.90 -15.96 -0.27
N ASP B 104 -7.40 -15.49 -1.43
CA ASP B 104 -6.39 -16.23 -2.24
C ASP B 104 -5.15 -15.39 -2.55
N ILE B 105 -3.99 -15.93 -2.18
CA ILE B 105 -2.67 -15.29 -2.35
C ILE B 105 -2.20 -15.03 -3.81
N LYS B 106 -2.82 -15.68 -4.79
CA LYS B 106 -2.48 -15.46 -6.20
C LYS B 106 -2.91 -14.05 -6.70
N TYR B 107 -3.81 -13.39 -5.93
CA TYR B 107 -4.33 -12.04 -6.23
C TYR B 107 -3.68 -10.84 -5.45
N TRP B 108 -2.78 -11.10 -4.48
CA TRP B 108 -2.05 -10.04 -3.68
C TRP B 108 -0.99 -9.37 -4.60
N PHE B 109 -0.99 -8.02 -4.71
CA PHE B 109 -0.11 -7.24 -5.64
C PHE B 109 -0.19 -7.78 -7.10
N TYR B 110 -1.43 -7.78 -7.61
CA TYR B 110 -1.80 -8.31 -8.94
C TYR B 110 -1.25 -7.60 -10.19
N GLY B 111 -1.55 -6.30 -10.32
CA GLY B 111 -1.09 -5.54 -11.48
C GLY B 111 -2.23 -4.95 -12.30
N ALA B 112 -1.95 -3.86 -13.02
CA ALA B 112 -2.95 -3.16 -13.83
C ALA B 112 -3.09 -3.69 -15.27
N LYS B 113 -2.08 -4.41 -15.73
CA LYS B 113 -2.08 -4.98 -17.07
C LYS B 113 -3.10 -6.09 -17.29
N ASN B 114 -3.62 -6.64 -16.18
CA ASN B 114 -4.61 -7.72 -16.22
C ASN B 114 -6.06 -7.23 -15.94
N CYS B 115 -6.24 -5.90 -15.93
CA CYS B 115 -7.53 -5.26 -15.68
C CYS B 115 -7.94 -4.36 -16.89
N GLN B 116 -7.80 -4.92 -18.11
CA GLN B 116 -8.10 -4.17 -19.35
C GLN B 116 -9.46 -4.37 -20.09
N GLU B 117 -10.40 -5.13 -19.49
CA GLU B 117 -11.77 -5.41 -20.06
C GLU B 117 -12.75 -4.20 -19.86
N LYS B 118 -13.94 -4.20 -20.51
CA LYS B 118 -14.96 -3.09 -20.39
C LYS B 118 -15.43 -2.93 -18.90
N SER B 119 -15.32 -1.73 -18.31
CA SER B 119 -15.69 -1.50 -16.88
C SER B 119 -17.18 -1.75 -16.44
N GLU B 120 -17.38 -2.39 -15.27
CA GLU B 120 -18.73 -2.72 -14.68
C GLU B 120 -19.47 -1.45 -14.13
N PRO B 121 -20.79 -1.27 -14.45
CA PRO B 121 -21.56 -0.10 -13.96
C PRO B 121 -21.91 -0.19 -12.44
N CYS B 122 -21.92 0.94 -11.71
CA CYS B 122 -22.27 0.95 -10.26
C CYS B 122 -23.76 0.60 -10.00
#